data_4ZSA
#
_entry.id   4ZSA
#
_cell.length_a   209.910
_cell.length_b   57.181
_cell.length_c   65.550
_cell.angle_alpha   90.000
_cell.angle_beta   107.470
_cell.angle_gamma   90.000
#
_symmetry.space_group_name_H-M   'C 1 2 1'
#
loop_
_entity.id
_entity.type
_entity.pdbx_description
1 polymer 'Fibroblast growth factor receptor 1'
2 non-polymer 4-(4-ethylpiperazin-1-yl)-N-[6-(3-methoxyphenyl)-2H-indazol-3-yl]benzamide
3 water water
#
_entity_poly.entity_id   1
_entity_poly.type   'polypeptide(L)'
_entity_poly.pdbx_seq_one_letter_code
;AGVSEYELPEDPRWELPRDRLVLGKPLGEGAFGQVVLAEAIGLDKDKPNRVTKVAVKMLKSDATEKDLSDLISEMEMMKM
IGKHKNIINLLGACTQDGPLYVIVEYASKGNLREYLQARRPPGLEYSYNPSHNPEEQLSSKDLVSCAYQVARGMEYLASK
KCIHRDLAARNVLVTEDNVMKIADFGLARDIHHIDYYKKTTNGRLPVKWMAPEALFDRIYTHQSDVWSFGVLLWEIFTLG
GSPYPGVPVEELFKLLKEGHRMDKPSNCTNELYMMMRDCWHAVPSQRPTFKQLVEDLDRIVALTSNQE
;
_entity_poly.pdbx_strand_id   A,B
#
# COMPACT_ATOMS: atom_id res chain seq x y z
C GLU A 7 12.46 -32.19 -31.27
N LEU A 8 12.44 -31.49 -30.14
CA LEU A 8 12.76 -30.06 -30.11
C LEU A 8 14.26 -29.86 -30.22
N PRO A 9 14.68 -28.84 -30.98
CA PRO A 9 16.11 -28.53 -31.08
C PRO A 9 16.62 -27.86 -29.81
N GLU A 10 17.80 -28.22 -29.33
CA GLU A 10 18.28 -27.59 -28.10
C GLU A 10 18.77 -26.19 -28.38
N ASP A 11 18.66 -25.34 -27.37
CA ASP A 11 19.09 -23.96 -27.41
C ASP A 11 19.84 -23.70 -26.12
N PRO A 12 21.17 -23.77 -26.17
CA PRO A 12 22.07 -23.62 -25.01
C PRO A 12 21.94 -22.26 -24.33
N ARG A 13 21.40 -21.29 -25.04
CA ARG A 13 21.17 -19.97 -24.47
C ARG A 13 20.22 -20.06 -23.27
N TRP A 14 19.25 -20.98 -23.36
CA TRP A 14 18.14 -21.00 -22.42
C TRP A 14 17.96 -22.31 -21.65
N GLU A 15 18.72 -23.35 -21.97
CA GLU A 15 18.37 -24.68 -21.47
C GLU A 15 18.68 -24.77 -19.97
N LEU A 16 17.78 -25.42 -19.23
CA LEU A 16 18.04 -25.76 -17.82
C LEU A 16 17.79 -27.27 -17.67
N PRO A 17 18.72 -28.01 -17.01
CA PRO A 17 18.44 -29.43 -16.83
C PRO A 17 17.13 -29.57 -16.05
N ARG A 18 16.28 -30.53 -16.38
CA ARG A 18 14.97 -30.49 -15.76
C ARG A 18 15.00 -30.93 -14.28
N ASP A 19 16.13 -31.50 -13.84
CA ASP A 19 16.24 -31.88 -12.44
C ASP A 19 16.58 -30.67 -11.55
N ARG A 20 16.74 -29.51 -12.19
CA ARG A 20 16.95 -28.26 -11.45
C ARG A 20 15.64 -27.58 -11.09
N LEU A 21 14.55 -28.22 -11.49
CA LEU A 21 13.24 -27.61 -11.34
C LEU A 21 12.38 -28.40 -10.35
N VAL A 22 11.93 -27.75 -9.28
CA VAL A 22 10.96 -28.39 -8.39
C VAL A 22 9.55 -27.83 -8.60
N LEU A 23 8.67 -28.62 -9.21
CA LEU A 23 7.34 -28.14 -9.65
C LEU A 23 6.34 -28.01 -8.48
N GLY A 24 5.42 -27.06 -8.58
CA GLY A 24 4.46 -26.78 -7.51
C GLY A 24 3.02 -26.54 -7.98
N LYS A 25 2.30 -25.68 -7.28
CA LYS A 25 0.86 -25.50 -7.54
C LYS A 25 0.56 -24.65 -8.79
N PRO A 26 -0.63 -24.82 -9.38
CA PRO A 26 -1.04 -24.08 -10.58
C PRO A 26 -1.12 -22.57 -10.40
N LEU A 27 -1.04 -21.83 -11.50
CA LEU A 27 -1.15 -20.38 -11.46
C LEU A 27 -2.05 -19.84 -12.59
N GLY A 28 -2.84 -18.82 -12.29
CA GLY A 28 -3.63 -18.13 -13.30
C GLY A 28 -4.99 -18.70 -13.63
N GLU A 29 -5.43 -19.69 -12.84
CA GLU A 29 -6.77 -20.28 -12.94
C GLU A 29 -7.07 -20.71 -14.37
N GLY A 30 -6.05 -21.24 -15.02
CA GLY A 30 -6.19 -21.78 -16.36
C GLY A 30 -6.20 -20.74 -17.45
N ALA A 31 -6.30 -19.46 -17.07
CA ALA A 31 -6.37 -18.39 -18.07
C ALA A 31 -5.20 -18.45 -19.03
N PHE A 32 -4.02 -18.82 -18.53
CA PHE A 32 -2.81 -18.77 -19.35
C PHE A 32 -2.32 -20.14 -19.77
N GLY A 33 -3.21 -21.13 -19.71
CA GLY A 33 -2.85 -22.49 -20.00
C GLY A 33 -2.32 -23.14 -18.74
N GLN A 34 -1.54 -24.21 -18.87
CA GLN A 34 -1.07 -24.88 -17.66
C GLN A 34 0.23 -24.28 -17.16
N VAL A 35 0.11 -23.37 -16.22
CA VAL A 35 1.25 -22.67 -15.65
C VAL A 35 1.32 -22.97 -14.17
N VAL A 36 2.49 -23.37 -13.69
CA VAL A 36 2.63 -23.66 -12.27
C VAL A 36 3.73 -22.85 -11.64
N LEU A 37 3.68 -22.70 -10.32
CA LEU A 37 4.81 -22.18 -9.57
C LEU A 37 5.85 -23.29 -9.44
N ALA A 38 7.14 -22.93 -9.50
CA ALA A 38 8.22 -23.89 -9.33
C ALA A 38 9.39 -23.22 -8.67
N GLU A 39 10.30 -24.03 -8.15
CA GLU A 39 11.58 -23.56 -7.64
C GLU A 39 12.68 -24.04 -8.56
N ALA A 40 13.52 -23.11 -8.97
CA ALA A 40 14.61 -23.45 -9.89
C ALA A 40 15.95 -23.30 -9.20
N ILE A 41 16.70 -24.39 -9.19
CA ILE A 41 18.00 -24.39 -8.54
C ILE A 41 19.07 -24.00 -9.52
N GLY A 42 19.85 -22.99 -9.19
CA GLY A 42 20.98 -22.64 -10.04
C GLY A 42 20.61 -22.09 -11.41
N LEU A 43 19.55 -21.28 -11.45
CA LEU A 43 19.16 -20.59 -12.68
C LEU A 43 20.26 -19.79 -13.27
N ASP A 44 20.91 -19.02 -12.40
CA ASP A 44 22.05 -18.27 -12.77
C ASP A 44 23.28 -19.07 -12.31
N LYS A 45 24.12 -19.45 -13.27
CA LYS A 45 25.13 -20.51 -13.05
C LYS A 45 26.26 -20.04 -12.15
N ASP A 46 26.33 -18.71 -11.96
CA ASP A 46 27.23 -18.00 -11.04
C ASP A 46 26.86 -18.30 -9.57
N LYS A 47 25.56 -18.50 -9.29
CA LYS A 47 25.13 -18.98 -7.99
C LYS A 47 24.36 -20.30 -8.09
N PRO A 48 25.06 -21.43 -8.35
CA PRO A 48 24.37 -22.71 -8.49
C PRO A 48 23.62 -23.18 -7.23
N ASN A 49 23.86 -22.55 -6.09
CA ASN A 49 23.27 -23.01 -4.84
C ASN A 49 22.11 -22.19 -4.32
N ARG A 50 21.58 -21.31 -5.15
CA ARG A 50 20.41 -20.51 -4.78
C ARG A 50 19.17 -21.06 -5.48
N VAL A 51 18.00 -20.96 -4.84
CA VAL A 51 16.78 -21.30 -5.57
C VAL A 51 16.05 -20.01 -5.89
N THR A 52 15.37 -20.03 -7.03
CA THR A 52 14.57 -18.91 -7.51
C THR A 52 13.16 -19.39 -7.78
N LYS A 53 12.17 -18.73 -7.19
CA LYS A 53 10.78 -18.99 -7.54
C LYS A 53 10.49 -18.46 -8.95
N VAL A 54 9.88 -19.29 -9.79
CA VAL A 54 9.63 -19.02 -11.19
C VAL A 54 8.28 -19.59 -11.56
N ALA A 55 7.71 -19.11 -12.68
CA ALA A 55 6.51 -19.70 -13.24
C ALA A 55 6.87 -20.58 -14.40
N VAL A 56 6.19 -21.71 -14.54
CA VAL A 56 6.53 -22.66 -15.58
C VAL A 56 5.31 -23.05 -16.39
N LYS A 57 5.37 -22.87 -17.71
CA LYS A 57 4.23 -23.19 -18.57
C LYS A 57 4.52 -24.46 -19.37
N MET A 58 3.51 -25.33 -19.46
CA MET A 58 3.68 -26.62 -20.12
C MET A 58 2.39 -27.02 -20.84
N LEU A 59 2.46 -28.01 -21.72
CA LEU A 59 1.27 -28.54 -22.39
C LEU A 59 0.39 -29.36 -21.44
N LYS A 60 -0.88 -29.53 -21.80
CA LYS A 60 -1.79 -30.38 -21.02
C LYS A 60 -1.76 -31.79 -21.58
N SER A 61 -2.46 -32.72 -20.93
CA SER A 61 -2.49 -34.11 -21.38
C SER A 61 -3.21 -34.20 -22.71
N ASP A 62 -4.45 -33.69 -22.74
CA ASP A 62 -5.24 -33.66 -23.97
C ASP A 62 -4.85 -32.45 -24.81
N ALA A 63 -3.60 -32.45 -25.29
CA ALA A 63 -3.07 -31.34 -26.07
C ALA A 63 -2.69 -31.79 -27.48
N THR A 64 -3.00 -30.95 -28.45
CA THR A 64 -2.79 -31.30 -29.85
C THR A 64 -1.41 -30.88 -30.33
N GLU A 65 -1.13 -31.13 -31.61
CA GLU A 65 0.16 -30.79 -32.20
C GLU A 65 0.32 -29.28 -32.28
N LYS A 66 -0.77 -28.57 -32.56
CA LYS A 66 -0.71 -27.12 -32.67
C LYS A 66 -0.61 -26.47 -31.32
N ASP A 67 -1.11 -27.15 -30.28
CA ASP A 67 -0.89 -26.67 -28.94
C ASP A 67 0.61 -26.60 -28.69
N LEU A 68 1.33 -27.57 -29.25
CA LEU A 68 2.76 -27.66 -29.09
C LEU A 68 3.46 -26.53 -29.84
N SER A 69 3.14 -26.39 -31.13
CA SER A 69 3.72 -25.34 -31.95
C SER A 69 3.45 -23.95 -31.39
N ASP A 70 2.28 -23.78 -30.76
CA ASP A 70 1.94 -22.51 -30.15
C ASP A 70 2.86 -22.21 -28.97
N LEU A 71 3.03 -23.19 -28.10
CA LEU A 71 3.91 -23.00 -26.94
C LEU A 71 5.33 -22.71 -27.39
N ILE A 72 5.77 -23.39 -28.44
CA ILE A 72 7.09 -23.14 -28.98
C ILE A 72 7.21 -21.72 -29.53
N SER A 73 6.19 -21.29 -30.28
CA SER A 73 6.16 -19.95 -30.88
C SER A 73 6.22 -18.89 -29.79
N GLU A 74 5.37 -19.08 -28.78
CA GLU A 74 5.37 -18.25 -27.60
C GLU A 74 6.78 -18.06 -27.03
N MET A 75 7.45 -19.18 -26.75
CA MET A 75 8.81 -19.14 -26.23
C MET A 75 9.80 -18.43 -27.18
N GLU A 76 9.75 -18.78 -28.45
CA GLU A 76 10.66 -18.19 -29.43
C GLU A 76 10.43 -16.68 -29.55
N MET A 77 9.16 -16.31 -29.47
CA MET A 77 8.80 -14.90 -29.50
C MET A 77 9.42 -14.15 -28.33
N MET A 78 9.25 -14.70 -27.14
CA MET A 78 9.83 -14.11 -25.94
C MET A 78 11.36 -13.96 -26.03
N LYS A 79 12.03 -14.95 -26.61
CA LYS A 79 13.48 -14.82 -26.88
C LYS A 79 13.80 -13.58 -27.74
N MET A 80 13.10 -13.43 -28.86
CA MET A 80 13.33 -12.31 -29.75
C MET A 80 13.11 -10.96 -29.04
N ILE A 81 12.10 -10.88 -28.19
CA ILE A 81 11.64 -9.58 -27.65
C ILE A 81 12.63 -9.00 -26.65
N GLY A 82 13.34 -9.85 -25.90
CA GLY A 82 14.32 -9.36 -24.95
C GLY A 82 13.70 -8.93 -23.63
N LYS A 83 14.52 -8.41 -22.73
CA LYS A 83 14.12 -8.20 -21.34
C LYS A 83 13.66 -6.80 -21.04
N HIS A 84 12.66 -6.72 -20.18
CA HIS A 84 12.28 -5.42 -19.66
C HIS A 84 11.67 -5.60 -18.28
N LYS A 85 11.98 -4.67 -17.38
CA LYS A 85 11.43 -4.66 -16.02
C LYS A 85 9.90 -4.81 -15.96
N ASN A 86 9.16 -4.25 -16.90
CA ASN A 86 7.70 -4.24 -16.78
C ASN A 86 7.00 -5.21 -17.72
N ILE A 87 7.70 -6.29 -18.06
CA ILE A 87 7.06 -7.43 -18.72
C ILE A 87 7.48 -8.72 -18.02
N ILE A 88 6.71 -9.77 -18.22
CA ILE A 88 7.08 -11.08 -17.71
C ILE A 88 8.17 -11.64 -18.60
N ASN A 89 9.37 -11.79 -18.05
CA ASN A 89 10.52 -12.23 -18.86
C ASN A 89 10.76 -13.73 -18.89
N LEU A 90 11.28 -14.17 -20.02
CA LEU A 90 11.71 -15.54 -20.22
C LEU A 90 12.99 -15.73 -19.42
N LEU A 91 13.11 -16.86 -18.72
CA LEU A 91 14.25 -17.15 -17.87
C LEU A 91 14.98 -18.44 -18.26
N GLY A 92 14.28 -19.34 -18.94
CA GLY A 92 14.89 -20.60 -19.32
C GLY A 92 13.88 -21.54 -19.96
N ALA A 93 14.34 -22.73 -20.29
CA ALA A 93 13.48 -23.76 -20.85
C ALA A 93 14.03 -25.16 -20.58
N CYS A 94 13.12 -26.12 -20.42
CA CYS A 94 13.48 -27.53 -20.49
C CYS A 94 12.90 -28.14 -21.77
N THR A 95 13.76 -28.40 -22.74
CA THR A 95 13.33 -28.84 -24.07
C THR A 95 13.76 -30.27 -24.39
N GLN A 96 14.73 -30.80 -23.65
CA GLN A 96 15.28 -32.12 -23.97
C GLN A 96 14.86 -33.17 -22.96
N ASP A 97 14.66 -34.39 -23.46
CA ASP A 97 14.44 -35.57 -22.61
C ASP A 97 13.22 -35.44 -21.71
N GLY A 98 12.11 -34.95 -22.28
CA GLY A 98 10.88 -34.79 -21.53
C GLY A 98 10.03 -33.66 -22.11
N PRO A 99 8.91 -33.35 -21.45
CA PRO A 99 7.90 -32.40 -21.95
C PRO A 99 8.39 -30.97 -21.92
N LEU A 100 7.88 -30.13 -22.80
CA LEU A 100 8.38 -28.77 -22.92
C LEU A 100 8.05 -27.96 -21.68
N TYR A 101 9.06 -27.35 -21.08
CA TYR A 101 8.86 -26.41 -20.00
C TYR A 101 9.38 -25.04 -20.43
N VAL A 102 8.51 -24.03 -20.36
CA VAL A 102 8.91 -22.65 -20.58
C VAL A 102 8.96 -21.94 -19.25
N ILE A 103 10.14 -21.44 -18.88
CA ILE A 103 10.34 -20.89 -17.55
C ILE A 103 10.39 -19.37 -17.57
N VAL A 104 9.49 -18.75 -16.82
CA VAL A 104 9.37 -17.30 -16.83
C VAL A 104 9.25 -16.75 -15.43
N GLU A 105 9.34 -15.42 -15.33
CA GLU A 105 9.30 -14.73 -14.05
C GLU A 105 8.01 -14.96 -13.29
N TYR A 106 8.16 -15.12 -11.97
CA TYR A 106 7.04 -15.29 -11.08
C TYR A 106 6.62 -13.96 -10.49
N ALA A 107 5.32 -13.69 -10.56
CA ALA A 107 4.72 -12.51 -9.98
C ALA A 107 3.84 -12.96 -8.81
N SER A 108 4.35 -12.78 -7.59
CA SER A 108 3.71 -13.40 -6.44
C SER A 108 2.37 -12.78 -6.05
N LYS A 109 2.04 -11.57 -6.52
CA LYS A 109 0.80 -10.96 -6.02
C LYS A 109 -0.38 -11.04 -6.98
N GLY A 110 -0.26 -11.84 -8.04
CA GLY A 110 -1.36 -12.11 -8.95
C GLY A 110 -1.65 -10.99 -9.96
N ASN A 111 -2.83 -11.00 -10.57
CA ASN A 111 -3.12 -9.98 -11.58
C ASN A 111 -3.61 -8.64 -11.02
N LEU A 112 -3.50 -7.61 -11.84
CA LEU A 112 -3.72 -6.25 -11.39
C LEU A 112 -5.18 -5.98 -11.00
N ARG A 113 -6.12 -6.63 -11.66
CA ARG A 113 -7.53 -6.47 -11.30
C ARG A 113 -7.78 -6.94 -9.86
N GLU A 114 -7.33 -8.16 -9.52
CA GLU A 114 -7.48 -8.70 -8.16
C GLU A 114 -6.84 -7.79 -7.12
N TYR A 115 -5.59 -7.44 -7.40
CA TYR A 115 -4.77 -6.61 -6.55
C TYR A 115 -5.42 -5.27 -6.24
N LEU A 116 -6.05 -4.66 -7.23
CA LEU A 116 -6.78 -3.41 -7.04
C LEU A 116 -8.03 -3.63 -6.16
N GLN A 117 -8.82 -4.63 -6.51
CA GLN A 117 -10.05 -4.93 -5.80
C GLN A 117 -9.80 -5.21 -4.31
N ALA A 118 -8.71 -5.89 -4.03
CA ALA A 118 -8.39 -6.27 -2.66
C ALA A 118 -8.00 -5.06 -1.83
N ARG A 119 -7.79 -3.92 -2.47
CA ARG A 119 -7.36 -2.73 -1.76
C ARG A 119 -8.41 -1.64 -1.79
N ARG A 120 -9.64 -2.04 -2.13
CA ARG A 120 -10.77 -1.14 -1.98
C ARG A 120 -11.01 -0.93 -0.51
N PRO A 121 -11.49 0.27 -0.15
CA PRO A 121 -11.97 0.52 1.20
C PRO A 121 -13.07 -0.47 1.55
N PRO A 122 -13.24 -0.76 2.84
CA PRO A 122 -14.21 -1.78 3.28
C PRO A 122 -15.62 -1.22 3.36
N GLU A 135 -5.19 -4.93 4.24
CA GLU A 135 -4.83 -4.68 2.84
C GLU A 135 -4.82 -3.19 2.53
N GLU A 136 -3.72 -2.52 2.87
CA GLU A 136 -3.65 -1.05 2.84
C GLU A 136 -4.19 -0.42 1.57
N GLN A 137 -4.98 0.63 1.71
CA GLN A 137 -5.50 1.37 0.56
C GLN A 137 -4.33 1.93 -0.25
N LEU A 138 -4.56 2.16 -1.53
CA LEU A 138 -3.53 2.69 -2.40
C LEU A 138 -3.66 4.20 -2.46
N SER A 139 -2.55 4.92 -2.44
CA SER A 139 -2.64 6.36 -2.58
C SER A 139 -2.94 6.73 -4.03
N SER A 140 -3.33 7.98 -4.25
CA SER A 140 -3.49 8.48 -5.61
C SER A 140 -2.18 8.35 -6.38
N LYS A 141 -1.05 8.61 -5.74
CA LYS A 141 0.22 8.49 -6.41
C LYS A 141 0.50 7.06 -6.81
N ASP A 142 0.15 6.11 -5.94
CA ASP A 142 0.31 4.68 -6.23
C ASP A 142 -0.42 4.28 -7.50
N LEU A 143 -1.66 4.74 -7.62
CA LEU A 143 -2.51 4.38 -8.75
C LEU A 143 -1.89 4.90 -10.05
N VAL A 144 -1.42 6.15 -10.02
CA VAL A 144 -0.82 6.74 -11.21
C VAL A 144 0.46 6.02 -11.55
N SER A 145 1.19 5.63 -10.52
CA SER A 145 2.44 4.91 -10.71
C SER A 145 2.21 3.55 -11.34
N CYS A 146 1.15 2.86 -10.92
CA CYS A 146 0.72 1.65 -11.59
C CYS A 146 0.50 1.86 -13.09
N ALA A 147 -0.19 2.94 -13.43
CA ALA A 147 -0.48 3.24 -14.84
C ALA A 147 0.83 3.47 -15.58
N TYR A 148 1.72 4.24 -14.95
CA TYR A 148 3.02 4.52 -15.54
C TYR A 148 3.81 3.24 -15.88
N GLN A 149 3.82 2.28 -14.96
CA GLN A 149 4.58 1.05 -15.21
C GLN A 149 4.00 0.22 -16.35
N VAL A 150 2.68 0.16 -16.43
CA VAL A 150 2.04 -0.60 -17.49
C VAL A 150 2.35 0.08 -18.83
N ALA A 151 2.29 1.41 -18.86
CA ALA A 151 2.62 2.15 -20.10
C ALA A 151 4.08 1.91 -20.52
N ARG A 152 4.97 1.80 -19.54
CA ARG A 152 6.37 1.52 -19.84
C ARG A 152 6.59 0.16 -20.44
N GLY A 153 5.96 -0.88 -19.88
CA GLY A 153 6.07 -2.20 -20.47
C GLY A 153 5.54 -2.22 -21.90
N MET A 154 4.41 -1.54 -22.10
CA MET A 154 3.79 -1.50 -23.43
C MET A 154 4.64 -0.68 -24.40
N GLU A 155 5.26 0.39 -23.90
CA GLU A 155 6.18 1.19 -24.69
C GLU A 155 7.32 0.30 -25.18
N TYR A 156 7.87 -0.49 -24.26
CA TYR A 156 8.92 -1.43 -24.62
C TYR A 156 8.43 -2.43 -25.65
N LEU A 157 7.30 -3.07 -25.40
CA LEU A 157 6.81 -4.08 -26.36
C LEU A 157 6.55 -3.47 -27.75
N ALA A 158 5.94 -2.27 -27.76
CA ALA A 158 5.67 -1.59 -29.03
C ALA A 158 6.98 -1.30 -29.75
N SER A 159 8.00 -0.86 -29.00
CA SER A 159 9.31 -0.56 -29.56
C SER A 159 9.91 -1.80 -30.22
N LYS A 160 9.61 -2.97 -29.68
CA LYS A 160 10.07 -4.23 -30.25
C LYS A 160 9.11 -4.79 -31.31
N LYS A 161 8.16 -3.96 -31.74
CA LYS A 161 7.21 -4.28 -32.83
C LYS A 161 6.14 -5.30 -32.44
N CYS A 162 5.93 -5.48 -31.15
CA CYS A 162 4.95 -6.41 -30.64
C CYS A 162 3.58 -5.75 -30.37
N ILE A 163 2.52 -6.32 -30.90
CA ILE A 163 1.15 -5.90 -30.62
C ILE A 163 0.53 -6.92 -29.66
N HIS A 164 -0.03 -6.45 -28.54
CA HIS A 164 -0.51 -7.39 -27.52
C HIS A 164 -1.82 -8.04 -27.91
N ARG A 165 -2.77 -7.18 -28.29
CA ARG A 165 -4.13 -7.55 -28.70
C ARG A 165 -5.10 -7.86 -27.52
N ASP A 166 -4.60 -8.14 -26.31
CA ASP A 166 -5.53 -8.38 -25.19
C ASP A 166 -5.09 -7.64 -23.92
N LEU A 167 -4.68 -6.39 -24.08
CA LEU A 167 -4.21 -5.63 -22.93
C LEU A 167 -5.38 -5.35 -22.00
N ALA A 168 -5.20 -5.67 -20.73
CA ALA A 168 -6.25 -5.55 -19.72
C ALA A 168 -5.61 -5.78 -18.37
N ALA A 169 -6.25 -5.31 -17.31
CA ALA A 169 -5.66 -5.47 -15.99
C ALA A 169 -5.47 -6.94 -15.61
N ARG A 170 -6.27 -7.83 -16.20
CA ARG A 170 -6.15 -9.27 -15.97
C ARG A 170 -4.88 -9.85 -16.57
N ASN A 171 -4.29 -9.14 -17.51
CA ASN A 171 -3.05 -9.61 -18.15
C ASN A 171 -1.84 -8.77 -17.74
N VAL A 172 -2.00 -8.08 -16.62
CA VAL A 172 -0.90 -7.42 -15.94
C VAL A 172 -0.69 -8.14 -14.61
N LEU A 173 0.51 -8.65 -14.36
CA LEU A 173 0.80 -9.33 -13.09
C LEU A 173 1.62 -8.44 -12.19
N VAL A 174 1.49 -8.63 -10.87
CA VAL A 174 2.16 -7.79 -9.89
C VAL A 174 3.20 -8.61 -9.07
N THR A 175 4.44 -8.11 -8.96
CA THR A 175 5.49 -8.84 -8.22
C THR A 175 5.42 -8.61 -6.72
N GLU A 176 6.29 -9.31 -5.98
CA GLU A 176 6.40 -9.17 -4.53
C GLU A 176 6.68 -7.72 -4.16
N ASP A 177 7.44 -7.03 -5.01
CA ASP A 177 7.80 -5.64 -4.74
C ASP A 177 6.90 -4.63 -5.44
N ASN A 178 5.70 -5.06 -5.83
CA ASN A 178 4.70 -4.18 -6.43
C ASN A 178 5.09 -3.58 -7.78
N VAL A 179 5.87 -4.34 -8.56
CA VAL A 179 6.20 -4.00 -9.93
C VAL A 179 5.16 -4.58 -10.89
N MET A 180 4.63 -3.75 -11.78
CA MET A 180 3.69 -4.20 -12.80
C MET A 180 4.41 -4.88 -13.97
N LYS A 181 3.93 -6.05 -14.40
CA LYS A 181 4.51 -6.74 -15.55
C LYS A 181 3.45 -7.16 -16.57
N ILE A 182 3.60 -6.73 -17.82
CA ILE A 182 2.68 -7.21 -18.85
C ILE A 182 2.91 -8.69 -19.07
N ALA A 183 1.81 -9.45 -19.10
CA ALA A 183 1.93 -10.88 -19.35
C ALA A 183 1.24 -11.27 -20.64
N ASP A 184 1.55 -12.47 -21.12
CA ASP A 184 0.83 -13.11 -22.21
C ASP A 184 0.93 -12.33 -23.50
N PHE A 185 2.10 -11.75 -23.76
CA PHE A 185 2.32 -10.95 -24.96
C PHE A 185 2.98 -11.78 -26.05
N GLY A 186 3.26 -13.03 -25.76
CA GLY A 186 4.10 -13.82 -26.64
C GLY A 186 3.34 -14.65 -27.67
N LEU A 187 2.02 -14.77 -27.52
CA LEU A 187 1.31 -15.63 -28.47
C LEU A 187 0.52 -14.88 -29.49
N ALA A 188 0.75 -15.24 -30.75
CA ALA A 188 -0.11 -14.85 -31.86
C ALA A 188 -1.37 -15.69 -31.80
N ARG A 189 -2.30 -15.31 -30.93
CA ARG A 189 -3.53 -16.05 -30.77
C ARG A 189 -4.36 -16.04 -32.06
N ASP A 190 -5.10 -17.12 -32.28
CA ASP A 190 -5.81 -17.39 -33.52
C ASP A 190 -6.79 -16.26 -33.86
N ILE A 191 -6.35 -15.30 -34.66
CA ILE A 191 -7.08 -14.04 -34.82
C ILE A 191 -8.57 -14.20 -35.22
N HIS A 192 -8.86 -14.94 -36.30
CA HIS A 192 -10.22 -15.02 -36.79
C HIS A 192 -10.85 -16.35 -36.48
N HIS A 193 -11.38 -16.50 -35.26
CA HIS A 193 -11.18 -17.70 -34.50
C HIS A 193 -11.50 -17.35 -33.05
N ILE A 194 -11.54 -16.03 -32.78
CA ILE A 194 -11.94 -15.45 -31.50
C ILE A 194 -13.45 -15.45 -31.24
N ASP A 195 -13.83 -15.97 -30.08
CA ASP A 195 -15.23 -16.07 -29.65
C ASP A 195 -15.66 -14.80 -28.90
N TYR A 196 -16.42 -13.94 -29.57
CA TYR A 196 -16.85 -12.68 -28.98
C TYR A 196 -17.73 -12.84 -27.75
N TYR A 197 -18.35 -14.02 -27.62
CA TYR A 197 -19.26 -14.26 -26.52
C TYR A 197 -18.58 -14.97 -25.36
N LYS A 198 -17.38 -15.47 -25.61
CA LYS A 198 -16.61 -16.14 -24.58
C LYS A 198 -16.20 -15.15 -23.50
N LYS A 199 -16.44 -15.53 -22.25
CA LYS A 199 -16.12 -14.69 -21.11
C LYS A 199 -14.78 -15.05 -20.47
N THR A 200 -14.22 -14.11 -19.70
CA THR A 200 -12.97 -14.34 -18.99
C THR A 200 -13.22 -15.23 -17.79
N THR A 201 -12.13 -15.60 -17.12
CA THR A 201 -12.20 -16.39 -15.89
C THR A 201 -13.09 -15.70 -14.86
N ASN A 202 -13.14 -14.36 -14.91
CA ASN A 202 -13.94 -13.57 -13.96
C ASN A 202 -15.41 -13.38 -14.39
N GLY A 203 -15.77 -13.77 -15.60
CA GLY A 203 -17.14 -13.60 -16.07
C GLY A 203 -17.36 -12.33 -16.88
N ARG A 204 -16.27 -11.68 -17.30
CA ARG A 204 -16.36 -10.47 -18.12
C ARG A 204 -16.13 -10.78 -19.60
N LEU A 205 -16.46 -9.82 -20.45
CA LEU A 205 -16.34 -9.98 -21.91
C LEU A 205 -15.17 -9.20 -22.50
N PRO A 206 -14.14 -9.91 -22.98
CA PRO A 206 -12.93 -9.32 -23.56
C PRO A 206 -13.16 -8.29 -24.67
N VAL A 207 -14.30 -8.36 -25.39
CA VAL A 207 -14.59 -7.35 -26.40
C VAL A 207 -14.63 -5.95 -25.82
N LYS A 208 -14.83 -5.82 -24.51
CA LYS A 208 -14.97 -4.51 -23.89
C LYS A 208 -13.64 -3.77 -23.76
N TRP A 209 -12.54 -4.42 -24.14
CA TRP A 209 -11.23 -3.78 -24.17
C TRP A 209 -10.75 -3.48 -25.60
N MET A 210 -11.50 -3.97 -26.58
CA MET A 210 -11.08 -3.90 -27.98
C MET A 210 -11.42 -2.60 -28.69
N ALA A 211 -10.45 -2.01 -29.38
CA ALA A 211 -10.74 -0.84 -30.22
C ALA A 211 -11.83 -1.20 -31.25
N PRO A 212 -12.63 -0.19 -31.67
CA PRO A 212 -13.69 -0.47 -32.64
C PRO A 212 -13.15 -1.07 -33.92
N GLU A 213 -12.03 -0.53 -34.42
CA GLU A 213 -11.53 -1.03 -35.68
C GLU A 213 -10.98 -2.46 -35.51
N ALA A 214 -10.56 -2.81 -34.31
CA ALA A 214 -10.14 -4.19 -34.09
C ALA A 214 -11.39 -5.08 -33.99
N LEU A 215 -12.40 -4.61 -33.28
CA LEU A 215 -13.59 -5.41 -33.12
C LEU A 215 -14.35 -5.58 -34.45
N PHE A 216 -14.60 -4.48 -35.15
CA PHE A 216 -15.44 -4.51 -36.36
C PHE A 216 -14.69 -4.95 -37.63
N ASP A 217 -13.47 -4.45 -37.80
CA ASP A 217 -12.67 -4.66 -39.01
C ASP A 217 -11.48 -5.61 -38.80
N ARG A 218 -11.38 -6.18 -37.61
CA ARG A 218 -10.27 -7.05 -37.19
C ARG A 218 -8.91 -6.49 -37.57
N ILE A 219 -8.72 -5.19 -37.34
CA ILE A 219 -7.46 -4.52 -37.60
C ILE A 219 -6.74 -4.20 -36.30
N TYR A 220 -5.71 -4.96 -35.99
CA TYR A 220 -4.94 -4.81 -34.75
C TYR A 220 -3.62 -4.09 -34.93
N THR A 221 -3.37 -3.07 -34.12
CA THR A 221 -2.21 -2.21 -34.25
C THR A 221 -1.74 -1.78 -32.88
N HIS A 222 -0.63 -1.07 -32.82
CA HIS A 222 -0.27 -0.41 -31.57
C HIS A 222 -1.35 0.60 -31.16
N GLN A 223 -2.06 1.17 -32.13
CA GLN A 223 -3.09 2.17 -31.83
C GLN A 223 -4.28 1.54 -31.15
N SER A 224 -4.64 0.31 -31.52
CA SER A 224 -5.73 -0.39 -30.85
C SER A 224 -5.32 -0.89 -29.45
N ASP A 225 -4.04 -1.23 -29.28
CA ASP A 225 -3.50 -1.52 -27.94
C ASP A 225 -3.64 -0.31 -27.04
N VAL A 226 -3.47 0.89 -27.61
CA VAL A 226 -3.60 2.13 -26.84
C VAL A 226 -5.04 2.34 -26.39
N TRP A 227 -5.99 2.03 -27.26
CA TRP A 227 -7.41 2.01 -26.85
C TRP A 227 -7.60 1.13 -25.62
N SER A 228 -7.05 -0.08 -25.70
CA SER A 228 -7.10 -1.04 -24.60
C SER A 228 -6.52 -0.45 -23.33
N PHE A 229 -5.43 0.28 -23.48
CA PHE A 229 -4.75 0.88 -22.32
C PHE A 229 -5.65 1.93 -21.65
N GLY A 230 -6.48 2.60 -22.43
CA GLY A 230 -7.40 3.57 -21.88
C GLY A 230 -8.43 2.87 -21.00
N VAL A 231 -8.92 1.73 -21.48
CA VAL A 231 -9.84 0.92 -20.69
C VAL A 231 -9.12 0.44 -19.42
N LEU A 232 -7.90 -0.07 -19.57
CA LEU A 232 -7.11 -0.44 -18.38
C LEU A 232 -6.92 0.74 -17.39
N LEU A 233 -6.67 1.94 -17.91
CA LEU A 233 -6.61 3.13 -17.07
C LEU A 233 -7.90 3.27 -16.26
N TRP A 234 -9.02 3.08 -16.93
CA TRP A 234 -10.33 3.15 -16.28
C TRP A 234 -10.47 2.04 -15.22
N GLU A 235 -9.88 0.88 -15.48
CA GLU A 235 -9.86 -0.19 -14.47
C GLU A 235 -9.10 0.26 -13.23
N ILE A 236 -7.98 0.93 -13.45
CA ILE A 236 -7.11 1.31 -12.35
C ILE A 236 -7.84 2.32 -11.44
N PHE A 237 -8.46 3.32 -12.03
CA PHE A 237 -9.01 4.38 -11.21
C PHE A 237 -10.39 4.05 -10.67
N THR A 238 -10.95 2.92 -11.10
CA THR A 238 -12.14 2.41 -10.46
C THR A 238 -11.75 1.30 -9.49
N LEU A 239 -10.45 1.13 -9.28
CA LEU A 239 -9.91 0.09 -8.39
C LEU A 239 -10.40 -1.30 -8.78
N GLY A 240 -10.30 -1.65 -10.06
CA GLY A 240 -10.71 -2.96 -10.51
C GLY A 240 -12.15 -3.05 -11.00
N GLY A 241 -12.74 -1.93 -11.36
CA GLY A 241 -14.13 -1.91 -11.84
C GLY A 241 -14.34 -2.68 -13.14
N SER A 242 -15.56 -3.16 -13.35
CA SER A 242 -15.89 -3.88 -14.57
C SER A 242 -16.46 -2.91 -15.62
N PRO A 243 -15.83 -2.85 -16.80
CA PRO A 243 -16.32 -1.93 -17.84
C PRO A 243 -17.68 -2.34 -18.37
N TYR A 244 -18.57 -1.38 -18.59
CA TYR A 244 -19.88 -1.66 -19.15
C TYR A 244 -20.62 -2.81 -18.46
N PRO A 245 -20.77 -2.72 -17.13
CA PRO A 245 -21.36 -3.87 -16.43
C PRO A 245 -22.79 -4.12 -16.90
N GLY A 246 -23.14 -5.37 -17.15
CA GLY A 246 -24.48 -5.74 -17.55
C GLY A 246 -24.73 -5.69 -19.04
N VAL A 247 -23.83 -5.03 -19.76
CA VAL A 247 -23.95 -4.88 -21.20
C VAL A 247 -23.47 -6.10 -21.98
N PRO A 248 -24.37 -6.71 -22.77
CA PRO A 248 -23.99 -7.83 -23.65
C PRO A 248 -23.36 -7.37 -24.97
N VAL A 249 -22.76 -8.33 -25.68
CA VAL A 249 -22.01 -8.06 -26.92
C VAL A 249 -22.74 -7.19 -27.95
N GLU A 250 -23.97 -7.57 -28.28
CA GLU A 250 -24.72 -6.87 -29.31
C GLU A 250 -24.93 -5.41 -28.93
N GLU A 251 -25.22 -5.17 -27.66
CA GLU A 251 -25.44 -3.82 -27.15
C GLU A 251 -24.15 -3.01 -27.09
N LEU A 252 -23.03 -3.68 -26.82
CA LEU A 252 -21.76 -3.01 -26.82
C LEU A 252 -21.46 -2.48 -28.21
N PHE A 253 -21.71 -3.33 -29.22
CA PHE A 253 -21.51 -2.94 -30.62
C PHE A 253 -22.27 -1.66 -30.91
N LYS A 254 -23.55 -1.66 -30.53
CA LYS A 254 -24.40 -0.50 -30.73
C LYS A 254 -23.85 0.73 -30.02
N LEU A 255 -23.43 0.55 -28.76
CA LEU A 255 -22.82 1.65 -28.01
C LEU A 255 -21.63 2.25 -28.75
N LEU A 256 -20.75 1.40 -29.28
CA LEU A 256 -19.55 1.88 -29.96
C LEU A 256 -19.86 2.52 -31.32
N LYS A 257 -20.77 1.91 -32.07
CA LYS A 257 -21.23 2.52 -33.33
C LYS A 257 -21.69 3.95 -33.08
N GLU A 258 -22.36 4.17 -31.95
CA GLU A 258 -22.90 5.48 -31.58
C GLU A 258 -21.84 6.44 -31.04
N GLY A 259 -20.66 5.92 -30.70
CA GLY A 259 -19.59 6.78 -30.20
C GLY A 259 -19.66 7.02 -28.71
N HIS A 260 -20.37 6.14 -28.01
CA HIS A 260 -20.50 6.22 -26.56
C HIS A 260 -19.15 5.99 -25.88
N ARG A 261 -18.89 6.67 -24.77
CA ARG A 261 -17.66 6.47 -24.00
C ARG A 261 -17.98 6.30 -22.52
N MET A 262 -17.17 5.52 -21.81
CA MET A 262 -17.37 5.33 -20.39
C MET A 262 -17.27 6.66 -19.64
N ASP A 263 -18.08 6.80 -18.60
CA ASP A 263 -18.07 7.98 -17.77
C ASP A 263 -16.82 8.08 -16.91
N LYS A 264 -16.49 9.30 -16.49
CA LYS A 264 -15.37 9.51 -15.57
C LYS A 264 -15.61 8.81 -14.24
N PRO A 265 -14.65 7.99 -13.82
CA PRO A 265 -14.73 7.39 -12.48
C PRO A 265 -14.69 8.48 -11.40
N SER A 266 -15.27 8.22 -10.24
CA SER A 266 -15.08 9.15 -9.13
C SER A 266 -13.64 9.03 -8.71
N ASN A 267 -13.10 10.06 -8.08
CA ASN A 267 -11.74 10.01 -7.57
C ASN A 267 -10.76 9.75 -8.73
N CYS A 268 -10.96 10.55 -9.77
CA CYS A 268 -10.12 10.55 -10.96
C CYS A 268 -10.09 11.96 -11.49
N THR A 269 -8.90 12.49 -11.72
CA THR A 269 -8.73 13.87 -12.14
C THR A 269 -9.27 14.08 -13.55
N ASN A 270 -9.51 15.33 -13.93
CA ASN A 270 -9.95 15.60 -15.29
C ASN A 270 -8.83 15.31 -16.27
N GLU A 271 -7.60 15.55 -15.82
CA GLU A 271 -6.43 15.29 -16.63
C GLU A 271 -6.36 13.80 -16.99
N LEU A 272 -6.55 12.94 -16.00
CA LEU A 272 -6.45 11.51 -16.27
C LEU A 272 -7.65 11.00 -17.06
N TYR A 273 -8.84 11.58 -16.84
CA TYR A 273 -10.00 11.22 -17.66
C TYR A 273 -9.79 11.67 -19.12
N MET A 274 -9.16 12.83 -19.31
CA MET A 274 -8.86 13.30 -20.66
C MET A 274 -7.90 12.33 -21.34
N MET A 275 -6.97 11.77 -20.56
CA MET A 275 -6.06 10.74 -21.08
C MET A 275 -6.82 9.53 -21.60
N MET A 276 -7.75 9.02 -20.80
CA MET A 276 -8.62 7.93 -21.22
C MET A 276 -9.32 8.24 -22.54
N ARG A 277 -9.96 9.42 -22.58
CA ARG A 277 -10.73 9.81 -23.75
C ARG A 277 -9.83 9.92 -24.98
N ASP A 278 -8.60 10.39 -24.80
CA ASP A 278 -7.65 10.48 -25.91
C ASP A 278 -7.28 9.09 -26.41
N CYS A 279 -7.06 8.16 -25.49
CA CYS A 279 -6.80 6.76 -25.85
C CYS A 279 -7.97 6.16 -26.63
N TRP A 280 -9.16 6.67 -26.36
CA TRP A 280 -10.36 6.19 -27.05
C TRP A 280 -10.74 7.10 -28.21
N HIS A 281 -9.74 7.74 -28.81
CA HIS A 281 -10.02 8.60 -29.97
C HIS A 281 -10.65 7.77 -31.05
N ALA A 282 -11.71 8.30 -31.65
CA ALA A 282 -12.42 7.59 -32.71
C ALA A 282 -11.50 7.38 -33.93
N VAL A 283 -10.52 8.27 -34.13
CA VAL A 283 -9.54 8.13 -35.21
C VAL A 283 -8.22 7.58 -34.69
N PRO A 284 -7.85 6.35 -35.07
CA PRO A 284 -6.67 5.70 -34.47
C PRO A 284 -5.38 6.53 -34.55
N SER A 285 -5.11 7.15 -35.69
CA SER A 285 -3.96 8.04 -35.86
C SER A 285 -3.88 9.18 -34.86
N GLN A 286 -5.01 9.53 -34.24
CA GLN A 286 -5.04 10.67 -33.35
C GLN A 286 -4.85 10.27 -31.88
N ARG A 287 -4.92 8.98 -31.59
CA ARG A 287 -4.64 8.52 -30.23
C ARG A 287 -3.17 8.79 -29.88
N PRO A 288 -2.88 8.98 -28.59
CA PRO A 288 -1.47 9.11 -28.23
C PRO A 288 -0.72 7.78 -28.40
N THR A 289 0.61 7.84 -28.50
CA THR A 289 1.45 6.65 -28.49
C THR A 289 1.82 6.25 -27.07
N PHE A 290 2.35 5.04 -26.89
CA PHE A 290 2.77 4.64 -25.56
C PHE A 290 3.94 5.52 -25.13
N LYS A 291 4.73 5.96 -26.09
CA LYS A 291 5.84 6.88 -25.78
C LYS A 291 5.33 8.17 -25.13
N GLN A 292 4.28 8.75 -25.71
CA GLN A 292 3.69 9.97 -25.17
C GLN A 292 3.05 9.72 -23.82
N LEU A 293 2.31 8.61 -23.72
CA LEU A 293 1.64 8.27 -22.46
C LEU A 293 2.63 8.09 -21.31
N VAL A 294 3.74 7.43 -21.58
CA VAL A 294 4.77 7.29 -20.57
C VAL A 294 5.27 8.66 -20.11
N GLU A 295 5.53 9.56 -21.06
CA GLU A 295 5.99 10.90 -20.73
C GLU A 295 4.94 11.70 -19.96
N ASP A 296 3.68 11.61 -20.39
CA ASP A 296 2.62 12.30 -19.67
C ASP A 296 2.47 11.72 -18.26
N LEU A 297 2.46 10.40 -18.15
CA LEU A 297 2.24 9.76 -16.86
C LEU A 297 3.39 10.05 -15.90
N ASP A 298 4.60 10.12 -16.44
CA ASP A 298 5.77 10.41 -15.62
C ASP A 298 5.66 11.77 -14.93
N ARG A 299 5.24 12.78 -15.68
CA ARG A 299 5.02 14.11 -15.10
C ARG A 299 3.88 14.10 -14.08
N ILE A 300 2.79 13.40 -14.41
CA ILE A 300 1.62 13.36 -13.54
C ILE A 300 1.97 12.68 -12.22
N VAL A 301 2.76 11.61 -12.27
CA VAL A 301 3.19 10.94 -11.04
C VAL A 301 3.84 11.95 -10.10
N ALA A 302 4.79 12.72 -10.62
CA ALA A 302 5.57 13.62 -9.78
C ALA A 302 4.74 14.73 -9.18
N LEU A 303 3.54 14.96 -9.70
CA LEU A 303 2.69 16.03 -9.19
C LEU A 303 1.53 15.48 -8.37
N THR A 304 1.39 14.17 -8.33
CA THR A 304 0.26 13.56 -7.62
C THR A 304 0.62 13.31 -6.15
N SER A 305 -0.27 13.73 -5.26
CA SER A 305 -0.08 13.58 -3.82
C SER A 305 -0.27 12.13 -3.38
N ASN A 306 0.58 11.66 -2.49
CA ASN A 306 0.37 10.34 -1.89
C ASN A 306 -0.27 10.46 -0.50
N GLN A 307 -0.71 11.67 -0.15
CA GLN A 307 -1.29 11.92 1.17
C GLN A 307 -2.77 11.52 1.25
N GLU A 308 -3.35 11.18 0.09
CA GLU A 308 -4.67 10.54 0.06
C GLU A 308 -4.79 9.62 -1.18
N GLU B 5 6.72 -26.68 20.32
CA GLU B 5 7.28 -26.72 18.96
C GLU B 5 7.98 -25.43 18.46
N TYR B 6 7.16 -24.44 18.13
CA TYR B 6 7.53 -23.23 17.37
C TYR B 6 8.79 -22.47 17.89
N GLU B 7 9.35 -21.61 17.04
CA GLU B 7 10.55 -20.82 17.31
C GLU B 7 10.43 -19.54 16.44
N LEU B 8 11.13 -18.46 16.79
CA LEU B 8 11.10 -17.24 15.98
C LEU B 8 12.39 -17.05 15.15
N PRO B 9 12.28 -16.34 13.99
CA PRO B 9 13.47 -16.09 13.19
C PRO B 9 14.45 -15.16 13.89
N GLU B 10 15.74 -15.31 13.60
CA GLU B 10 16.78 -14.48 14.18
C GLU B 10 17.00 -13.20 13.37
N ASP B 11 17.46 -12.17 14.07
CA ASP B 11 17.83 -10.90 13.44
C ASP B 11 18.89 -10.27 14.35
N PRO B 12 20.16 -10.60 14.09
CA PRO B 12 21.30 -10.20 14.93
C PRO B 12 21.44 -8.69 15.11
N ARG B 13 20.95 -7.93 14.13
CA ARG B 13 21.02 -6.47 14.16
C ARG B 13 20.35 -5.85 15.39
N TRP B 14 19.34 -6.53 15.93
CA TRP B 14 18.55 -5.97 17.02
C TRP B 14 18.63 -6.77 18.32
N GLU B 15 19.20 -7.97 18.27
CA GLU B 15 19.07 -8.90 19.39
C GLU B 15 19.82 -8.43 20.65
N LEU B 16 19.14 -8.49 21.78
CA LEU B 16 19.75 -8.27 23.08
C LEU B 16 19.67 -9.56 23.89
N PRO B 17 20.77 -9.95 24.54
CA PRO B 17 20.74 -11.12 25.43
C PRO B 17 19.84 -10.87 26.63
N ARG B 18 19.05 -11.87 27.02
CA ARG B 18 18.02 -11.69 28.03
C ARG B 18 18.57 -11.25 29.39
N ASP B 19 19.78 -11.71 29.71
CA ASP B 19 20.35 -11.41 31.02
C ASP B 19 20.91 -9.99 31.07
N ARG B 20 20.62 -9.21 30.04
CA ARG B 20 20.94 -7.79 30.02
C ARG B 20 19.70 -6.98 30.34
N LEU B 21 18.61 -7.67 30.67
CA LEU B 21 17.31 -7.04 30.79
C LEU B 21 16.60 -7.42 32.09
N VAL B 22 16.29 -6.43 32.90
CA VAL B 22 15.56 -6.64 34.15
C VAL B 22 14.17 -6.01 34.09
N LEU B 23 13.14 -6.84 34.03
CA LEU B 23 11.76 -6.37 33.85
C LEU B 23 11.17 -5.73 35.12
N GLY B 24 10.35 -4.70 34.94
CA GLY B 24 9.77 -3.97 36.05
C GLY B 24 8.25 -3.80 36.00
N LYS B 25 7.76 -2.64 36.39
CA LYS B 25 6.32 -2.43 36.59
C LYS B 25 5.60 -2.17 35.28
N PRO B 26 4.32 -2.59 35.19
CA PRO B 26 3.56 -2.42 33.95
C PRO B 26 3.46 -0.94 33.59
N LEU B 27 3.22 -0.65 32.32
CA LEU B 27 3.12 0.74 31.89
C LEU B 27 1.83 0.98 31.14
N GLY B 28 1.26 2.17 31.30
CA GLY B 28 0.13 2.60 30.50
C GLY B 28 -1.20 1.93 30.81
N GLU B 29 -1.32 1.34 32.00
CA GLU B 29 -2.59 0.79 32.49
C GLU B 29 -3.29 -0.12 31.49
N GLY B 30 -2.52 -0.93 30.78
CA GLY B 30 -3.10 -1.91 29.87
C GLY B 30 -3.47 -1.38 28.50
N ALA B 31 -3.38 -0.07 28.31
CA ALA B 31 -3.80 0.56 27.07
C ALA B 31 -3.00 0.05 25.89
N PHE B 32 -1.73 -0.25 26.12
CA PHE B 32 -0.89 -0.71 25.01
C PHE B 32 -0.58 -2.20 25.13
N GLY B 33 -1.33 -2.90 25.95
CA GLY B 33 -1.08 -4.32 26.13
C GLY B 33 -0.07 -4.53 27.22
N GLN B 34 0.59 -5.69 27.19
CA GLN B 34 1.54 -5.98 28.25
C GLN B 34 2.87 -5.29 27.96
N VAL B 35 2.99 -4.08 28.50
CA VAL B 35 4.19 -3.28 28.40
C VAL B 35 4.73 -2.99 29.78
N VAL B 36 6.01 -3.26 30.01
CA VAL B 36 6.61 -2.96 31.30
C VAL B 36 7.82 -2.05 31.18
N LEU B 37 8.08 -1.30 32.23
CA LEU B 37 9.34 -0.61 32.40
C LEU B 37 10.37 -1.67 32.66
N ALA B 38 11.58 -1.45 32.17
CA ALA B 38 12.64 -2.42 32.39
C ALA B 38 13.97 -1.70 32.34
N GLU B 39 14.99 -2.32 32.90
CA GLU B 39 16.32 -1.75 32.85
C GLU B 39 17.19 -2.61 31.95
N ALA B 40 17.91 -1.97 31.04
CA ALA B 40 18.71 -2.70 30.08
C ALA B 40 20.18 -2.28 30.11
N ILE B 41 21.05 -3.28 30.07
CA ILE B 41 22.48 -3.05 30.19
C ILE B 41 23.16 -3.12 28.84
N GLY B 42 23.93 -2.08 28.52
CA GLY B 42 24.74 -2.05 27.32
C GLY B 42 23.95 -2.23 26.04
N LEU B 43 22.95 -1.38 25.85
CA LEU B 43 22.17 -1.35 24.60
C LEU B 43 23.05 -1.00 23.41
N ASP B 44 24.04 -0.17 23.67
CA ASP B 44 24.98 0.20 22.64
C ASP B 44 26.35 -0.37 23.01
N LYS B 45 26.93 -1.13 22.08
CA LYS B 45 28.18 -1.85 22.33
C LYS B 45 29.32 -0.90 22.71
N ASP B 46 29.19 0.36 22.31
CA ASP B 46 30.16 1.40 22.67
C ASP B 46 29.98 1.87 24.12
N LYS B 47 28.85 1.53 24.73
CA LYS B 47 28.59 1.86 26.13
C LYS B 47 28.22 0.61 26.94
N PRO B 48 29.14 -0.38 26.98
CA PRO B 48 28.90 -1.78 27.37
C PRO B 48 28.26 -2.00 28.73
N ASN B 49 28.22 -0.98 29.58
CA ASN B 49 27.68 -1.18 30.91
C ASN B 49 26.88 0.01 31.42
N ARG B 50 26.35 0.81 30.50
CA ARG B 50 25.38 1.82 30.87
C ARG B 50 24.06 1.12 31.18
N VAL B 51 23.31 1.66 32.14
CA VAL B 51 22.00 1.10 32.46
C VAL B 51 20.93 2.02 31.91
N THR B 52 20.30 1.64 30.80
CA THR B 52 19.25 2.45 30.17
C THR B 52 17.85 2.02 30.61
N LYS B 53 17.04 2.99 31.02
CA LYS B 53 15.62 2.71 31.25
C LYS B 53 14.93 2.57 29.88
N VAL B 54 14.17 1.49 29.72
CA VAL B 54 13.47 1.21 28.46
C VAL B 54 12.07 0.72 28.74
N ALA B 55 11.25 0.66 27.69
CA ALA B 55 9.94 0.00 27.76
C ALA B 55 10.02 -1.29 26.97
N VAL B 56 9.32 -2.31 27.45
CA VAL B 56 9.33 -3.60 26.78
C VAL B 56 7.93 -4.08 26.56
N LYS B 57 7.60 -4.46 25.33
CA LYS B 57 6.29 -5.05 25.08
C LYS B 57 6.45 -6.55 24.88
N MET B 58 5.52 -7.31 25.43
CA MET B 58 5.52 -8.76 25.29
C MET B 58 4.09 -9.27 25.21
N LEU B 59 3.92 -10.50 24.72
CA LEU B 59 2.63 -11.15 24.80
C LEU B 59 2.16 -11.36 26.23
N LYS B 60 0.84 -11.41 26.41
CA LYS B 60 0.22 -11.88 27.65
C LYS B 60 0.18 -13.42 27.67
N SER B 61 -0.03 -14.03 28.83
CA SER B 61 -0.04 -15.50 28.94
C SER B 61 -1.11 -16.16 28.09
N ASP B 62 -2.28 -15.51 28.01
CA ASP B 62 -3.41 -16.08 27.28
C ASP B 62 -3.34 -15.77 25.81
N ALA B 63 -2.21 -15.20 25.38
CA ALA B 63 -2.09 -14.77 24.00
C ALA B 63 -2.14 -15.96 23.08
N THR B 64 -2.46 -15.69 21.82
CA THR B 64 -2.67 -16.73 20.83
C THR B 64 -1.60 -16.63 19.78
N GLU B 65 -1.54 -17.62 18.89
CA GLU B 65 -0.55 -17.62 17.83
C GLU B 65 -0.66 -16.41 16.91
N LYS B 66 -1.80 -15.73 16.92
CA LYS B 66 -1.94 -14.56 16.06
C LYS B 66 -1.69 -13.31 16.91
N ASP B 67 -1.98 -13.37 18.21
CA ASP B 67 -1.43 -12.35 19.10
C ASP B 67 0.10 -12.27 18.90
N LEU B 68 0.77 -13.42 18.80
CA LEU B 68 2.21 -13.43 18.58
C LEU B 68 2.52 -12.88 17.19
N SER B 69 1.65 -13.21 16.24
CA SER B 69 1.85 -12.77 14.87
C SER B 69 1.75 -11.25 14.80
N ASP B 70 0.80 -10.69 15.53
CA ASP B 70 0.62 -9.26 15.60
C ASP B 70 1.84 -8.52 16.18
N LEU B 71 2.38 -9.03 17.28
CA LEU B 71 3.51 -8.37 17.95
C LEU B 71 4.76 -8.40 17.07
N ILE B 72 4.96 -9.48 16.33
CA ILE B 72 6.11 -9.57 15.44
C ILE B 72 6.00 -8.57 14.29
N SER B 73 4.79 -8.45 13.73
CA SER B 73 4.54 -7.50 12.64
C SER B 73 4.73 -6.07 13.15
N GLU B 74 4.34 -5.85 14.39
CA GLU B 74 4.53 -4.57 15.03
C GLU B 74 6.00 -4.24 15.14
N MET B 75 6.80 -5.23 15.56
CA MET B 75 8.24 -5.03 15.65
C MET B 75 8.86 -4.79 14.28
N GLU B 76 8.43 -5.56 13.29
CA GLU B 76 9.02 -5.47 11.98
C GLU B 76 8.65 -4.14 11.31
N MET B 77 7.44 -3.67 11.58
CA MET B 77 6.99 -2.35 11.09
C MET B 77 7.93 -1.26 11.61
N MET B 78 8.22 -1.29 12.91
CA MET B 78 9.10 -0.30 13.50
C MET B 78 10.47 -0.32 12.85
N LYS B 79 10.95 -1.52 12.51
CA LYS B 79 12.20 -1.66 11.78
C LYS B 79 12.16 -0.91 10.45
N MET B 80 11.11 -1.15 9.66
CA MET B 80 10.97 -0.50 8.33
C MET B 80 10.89 1.03 8.43
N ILE B 81 10.09 1.51 9.38
CA ILE B 81 9.83 2.95 9.56
C ILE B 81 11.08 3.74 9.96
N GLY B 82 11.95 3.15 10.78
CA GLY B 82 13.20 3.79 11.13
C GLY B 82 13.06 4.84 12.21
N LYS B 83 14.14 5.58 12.49
CA LYS B 83 14.22 6.44 13.66
C LYS B 83 13.79 7.88 13.43
N HIS B 84 13.15 8.47 14.43
CA HIS B 84 12.84 9.90 14.44
C HIS B 84 12.71 10.36 15.88
N LYS B 85 13.18 11.57 16.16
CA LYS B 85 13.21 12.03 17.54
C LYS B 85 11.81 12.15 18.18
N ASN B 86 10.77 12.32 17.37
CA ASN B 86 9.42 12.53 17.88
C ASN B 86 8.52 11.29 17.71
N ILE B 87 9.15 10.12 17.65
CA ILE B 87 8.42 8.88 17.76
C ILE B 87 9.10 8.00 18.81
N ILE B 88 8.34 7.06 19.35
CA ILE B 88 8.91 6.06 20.26
C ILE B 88 9.69 5.06 19.43
N ASN B 89 11.02 5.04 19.59
CA ASN B 89 11.86 4.24 18.69
C ASN B 89 12.18 2.83 19.19
N LEU B 90 12.29 1.91 18.23
CA LEU B 90 12.75 0.56 18.48
C LEU B 90 14.21 0.58 18.91
N LEU B 91 14.51 -0.09 20.00
CA LEU B 91 15.87 -0.17 20.53
C LEU B 91 16.48 -1.57 20.50
N GLY B 92 15.66 -2.61 20.46
CA GLY B 92 16.18 -3.97 20.56
C GLY B 92 15.07 -4.99 20.68
N ALA B 93 15.45 -6.26 20.76
CA ALA B 93 14.49 -7.35 20.85
C ALA B 93 15.15 -8.59 21.42
N CYS B 94 14.41 -9.31 22.27
CA CYS B 94 14.75 -10.68 22.64
C CYS B 94 13.78 -11.59 21.93
N THR B 95 14.27 -12.31 20.93
CA THR B 95 13.43 -13.12 20.06
C THR B 95 13.65 -14.63 20.27
N GLN B 96 14.83 -14.99 20.76
CA GLN B 96 15.24 -16.39 20.86
C GLN B 96 15.07 -16.98 22.24
N ASP B 97 14.82 -18.30 22.28
CA ASP B 97 14.74 -19.05 23.54
C ASP B 97 13.91 -18.39 24.60
N GLY B 98 12.61 -18.22 24.36
CA GLY B 98 11.77 -17.61 25.35
C GLY B 98 10.89 -16.56 24.73
N PRO B 99 10.12 -15.86 25.58
CA PRO B 99 9.09 -14.90 25.15
C PRO B 99 9.67 -13.74 24.35
N LEU B 100 8.92 -13.30 23.34
CA LEU B 100 9.33 -12.18 22.52
C LEU B 100 9.30 -10.90 23.35
N TYR B 101 10.41 -10.20 23.39
CA TYR B 101 10.44 -8.89 24.02
C TYR B 101 10.75 -7.88 22.92
N VAL B 102 9.90 -6.88 22.77
CA VAL B 102 10.19 -5.78 21.87
C VAL B 102 10.59 -4.58 22.72
N ILE B 103 11.83 -4.15 22.58
CA ILE B 103 12.40 -3.13 23.45
C ILE B 103 12.37 -1.76 22.76
N VAL B 104 11.68 -0.80 23.36
CA VAL B 104 11.60 0.54 22.78
C VAL B 104 11.97 1.61 23.81
N GLU B 105 12.01 2.86 23.36
CA GLU B 105 12.28 4.00 24.24
C GLU B 105 11.28 4.18 25.37
N TYR B 106 11.80 4.57 26.53
CA TYR B 106 10.98 4.92 27.69
C TYR B 106 10.73 6.43 27.77
N ALA B 107 9.47 6.81 27.92
CA ALA B 107 9.12 8.21 28.08
C ALA B 107 8.67 8.43 29.51
N SER B 108 9.55 9.03 30.31
CA SER B 108 9.37 9.01 31.76
C SER B 108 8.20 9.85 32.28
N LYS B 109 7.68 10.78 31.47
CA LYS B 109 6.68 11.69 31.99
C LYS B 109 5.24 11.40 31.54
N GLY B 110 4.97 10.20 31.06
CA GLY B 110 3.61 9.77 30.78
C GLY B 110 3.03 10.32 29.50
N ASN B 111 1.74 10.11 29.26
CA ASN B 111 1.15 10.61 28.03
C ASN B 111 0.87 12.09 28.09
N LEU B 112 0.69 12.68 26.93
CA LEU B 112 0.49 14.12 26.79
C LEU B 112 -0.74 14.61 27.53
N ARG B 113 -1.78 13.78 27.61
CA ARG B 113 -3.03 14.18 28.27
C ARG B 113 -2.76 14.51 29.74
N GLU B 114 -2.18 13.55 30.46
CA GLU B 114 -1.94 13.71 31.88
C GLU B 114 -0.80 14.72 32.16
N TYR B 115 0.21 14.73 31.31
CA TYR B 115 1.28 15.73 31.37
C TYR B 115 0.71 17.16 31.36
N LEU B 116 -0.24 17.42 30.47
CA LEU B 116 -0.87 18.74 30.35
C LEU B 116 -1.78 19.08 31.52
N GLN B 117 -2.57 18.10 31.95
CA GLN B 117 -3.50 18.32 33.04
C GLN B 117 -2.76 18.68 34.32
N ALA B 118 -1.66 17.99 34.57
CA ALA B 118 -0.84 18.24 35.76
C ALA B 118 -0.15 19.59 35.71
N ARG B 119 -0.20 20.25 34.57
CA ARG B 119 0.50 21.52 34.42
C ARG B 119 -0.50 22.66 34.28
N ARG B 120 -1.72 22.40 34.70
CA ARG B 120 -2.75 23.42 34.71
C ARG B 120 -2.53 24.39 35.88
N PRO B 121 -2.73 25.69 35.63
CA PRO B 121 -2.72 26.69 36.71
C PRO B 121 -3.94 26.50 37.64
N PRO B 122 -3.95 27.19 38.79
CA PRO B 122 -5.16 27.10 39.62
C PRO B 122 -6.13 28.22 39.31
N GLU B 135 4.24 20.03 37.86
CA GLU B 135 3.14 20.98 38.02
C GLU B 135 3.51 22.37 37.47
N GLU B 136 4.71 22.47 36.92
CA GLU B 136 5.24 23.70 36.35
C GLU B 136 4.56 24.11 35.04
N GLN B 137 3.78 25.18 35.09
CA GLN B 137 2.95 25.61 33.96
C GLN B 137 3.75 25.81 32.68
N LEU B 138 3.05 25.86 31.55
CA LEU B 138 3.72 25.97 30.27
C LEU B 138 3.34 27.26 29.55
N SER B 139 4.31 27.82 28.84
CA SER B 139 4.11 29.05 28.07
C SER B 139 3.33 28.80 26.79
N SER B 140 2.76 29.88 26.23
CA SER B 140 2.09 29.78 24.93
C SER B 140 3.04 29.21 23.88
N LYS B 141 4.34 29.43 24.06
CA LYS B 141 5.34 28.92 23.13
C LYS B 141 5.50 27.42 23.32
N ASP B 142 5.72 27.01 24.57
CA ASP B 142 5.74 25.60 24.93
C ASP B 142 4.56 24.82 24.33
N LEU B 143 3.37 25.41 24.32
CA LEU B 143 2.19 24.71 23.83
C LEU B 143 2.21 24.56 22.31
N VAL B 144 2.62 25.61 21.61
CA VAL B 144 2.74 25.51 20.17
C VAL B 144 3.88 24.54 19.85
N SER B 145 4.92 24.57 20.66
CA SER B 145 6.08 23.74 20.42
C SER B 145 5.72 22.27 20.61
N CYS B 146 4.85 22.00 21.57
CA CYS B 146 4.27 20.66 21.71
C CYS B 146 3.56 20.23 20.41
N ALA B 147 2.70 21.10 19.89
CA ALA B 147 1.97 20.82 18.65
C ALA B 147 2.89 20.60 17.43
N TYR B 148 3.91 21.45 17.30
CA TYR B 148 4.93 21.32 16.25
C TYR B 148 5.65 19.96 16.30
N GLN B 149 6.09 19.58 17.48
CA GLN B 149 6.75 18.29 17.68
C GLN B 149 5.85 17.10 17.30
N VAL B 150 4.58 17.14 17.71
CA VAL B 150 3.68 16.06 17.34
C VAL B 150 3.50 16.06 15.82
N ALA B 151 3.35 17.24 15.22
CA ALA B 151 3.19 17.32 13.76
C ALA B 151 4.41 16.78 13.03
N ARG B 152 5.58 17.02 13.60
CA ARG B 152 6.83 16.53 13.02
C ARG B 152 6.97 15.03 13.04
N GLY B 153 6.50 14.40 14.11
CA GLY B 153 6.60 12.96 14.19
C GLY B 153 5.60 12.37 13.24
N MET B 154 4.47 13.03 13.12
CA MET B 154 3.43 12.56 12.19
C MET B 154 3.89 12.76 10.76
N GLU B 155 4.58 13.86 10.49
CA GLU B 155 5.10 14.12 9.15
C GLU B 155 6.08 13.00 8.81
N TYR B 156 6.93 12.65 9.78
CA TYR B 156 7.85 11.53 9.56
C TYR B 156 7.12 10.24 9.25
N LEU B 157 6.20 9.84 10.12
CA LEU B 157 5.45 8.60 9.93
C LEU B 157 4.69 8.57 8.59
N ALA B 158 4.00 9.66 8.24
CA ALA B 158 3.28 9.69 6.96
C ALA B 158 4.26 9.50 5.79
N SER B 159 5.45 10.09 5.90
CA SER B 159 6.48 9.92 4.89
C SER B 159 6.95 8.46 4.80
N LYS B 160 6.76 7.70 5.87
CA LYS B 160 7.14 6.28 5.85
C LYS B 160 5.93 5.43 5.66
N LYS B 161 4.85 6.04 5.17
CA LYS B 161 3.64 5.35 4.79
C LYS B 161 2.87 4.74 5.97
N CYS B 162 3.07 5.30 7.15
CA CYS B 162 2.37 4.84 8.33
C CYS B 162 1.15 5.71 8.62
N ILE B 163 0.00 5.06 8.73
CA ILE B 163 -1.22 5.71 9.15
C ILE B 163 -1.52 5.30 10.57
N HIS B 164 -1.66 6.28 11.46
CA HIS B 164 -1.75 5.97 12.89
C HIS B 164 -3.10 5.42 13.30
N ARG B 165 -4.17 6.06 12.83
CA ARG B 165 -5.56 5.67 13.09
C ARG B 165 -6.10 5.99 14.50
N ASP B 166 -5.24 6.11 15.51
CA ASP B 166 -5.71 6.59 16.82
C ASP B 166 -4.83 7.71 17.37
N LEU B 167 -4.60 8.74 16.56
CA LEU B 167 -3.78 9.86 17.02
C LEU B 167 -4.55 10.69 18.05
N ALA B 168 -4.02 10.74 19.27
CA ALA B 168 -4.67 11.46 20.36
C ALA B 168 -3.62 11.74 21.41
N ALA B 169 -3.88 12.71 22.29
CA ALA B 169 -2.91 13.05 23.33
C ALA B 169 -2.51 11.82 24.13
N ARG B 170 -3.44 10.88 24.28
CA ARG B 170 -3.19 9.67 25.06
C ARG B 170 -2.10 8.81 24.44
N ASN B 171 -1.87 8.99 23.13
CA ASN B 171 -0.88 8.22 22.37
C ASN B 171 0.32 9.06 21.97
N VAL B 172 0.50 10.15 22.70
CA VAL B 172 1.72 10.93 22.63
C VAL B 172 2.38 10.80 23.99
N LEU B 173 3.64 10.41 24.02
CA LEU B 173 4.32 10.28 25.30
C LEU B 173 5.35 11.37 25.44
N VAL B 174 5.74 11.64 26.68
CA VAL B 174 6.65 12.75 26.96
C VAL B 174 7.89 12.24 27.73
N THR B 175 9.09 12.59 27.23
CA THR B 175 10.35 12.14 27.84
C THR B 175 10.77 13.04 28.99
N GLU B 176 11.77 12.59 29.73
CA GLU B 176 12.42 13.39 30.79
C GLU B 176 12.79 14.81 30.32
N ASP B 177 13.19 14.95 29.06
CA ASP B 177 13.54 16.27 28.52
C ASP B 177 12.40 16.91 27.76
N ASN B 178 11.17 16.56 28.14
CA ASN B 178 9.97 17.20 27.59
C ASN B 178 9.89 17.10 26.07
N VAL B 179 10.34 15.97 25.53
CA VAL B 179 10.25 15.78 24.09
C VAL B 179 9.02 14.96 23.76
N MET B 180 8.23 15.43 22.81
CA MET B 180 7.04 14.72 22.37
C MET B 180 7.36 13.50 21.49
N LYS B 181 6.82 12.34 21.85
CA LYS B 181 6.99 11.13 21.03
C LYS B 181 5.67 10.40 20.75
N ILE B 182 5.31 10.29 19.48
CA ILE B 182 4.14 9.51 19.06
C ILE B 182 4.37 8.04 19.42
N ALA B 183 3.37 7.43 20.04
CA ALA B 183 3.49 6.05 20.49
C ALA B 183 2.46 5.19 19.79
N ASP B 184 2.70 3.88 19.78
CA ASP B 184 1.69 2.92 19.36
C ASP B 184 1.33 3.06 17.89
N PHE B 185 2.32 3.38 17.06
CA PHE B 185 2.09 3.57 15.64
C PHE B 185 2.36 2.29 14.86
N GLY B 186 2.93 1.31 15.55
CA GLY B 186 3.36 0.09 14.90
C GLY B 186 2.26 -0.88 14.47
N LEU B 187 1.07 -0.75 15.05
CA LEU B 187 0.02 -1.74 14.82
C LEU B 187 -0.66 -1.57 13.47
N ILE B 194 -14.73 -2.29 14.39
CA ILE B 194 -14.28 -1.54 15.56
C ILE B 194 -15.45 -1.22 16.50
N ASP B 195 -15.20 -1.26 17.81
CA ASP B 195 -16.23 -1.02 18.80
C ASP B 195 -16.37 0.49 19.09
N TYR B 196 -17.35 1.10 18.45
CA TYR B 196 -17.63 2.53 18.61
C TYR B 196 -17.90 2.92 20.05
N TYR B 197 -18.32 1.95 20.86
CA TYR B 197 -18.79 2.22 22.21
C TYR B 197 -17.76 1.89 23.28
N LYS B 198 -16.61 1.33 22.88
CA LYS B 198 -15.55 1.02 23.83
C LYS B 198 -14.84 2.28 24.29
N LYS B 199 -14.56 2.35 25.59
CA LYS B 199 -14.00 3.54 26.21
C LYS B 199 -12.48 3.43 26.44
N THR B 200 -11.79 4.56 26.49
CA THR B 200 -10.37 4.59 26.89
C THR B 200 -10.27 4.28 28.39
N THR B 201 -9.04 4.15 28.88
CA THR B 201 -8.80 3.85 30.30
C THR B 201 -9.22 5.01 31.17
N ASN B 202 -9.33 6.17 30.53
CA ASN B 202 -9.62 7.43 31.19
C ASN B 202 -11.12 7.77 31.05
N GLY B 203 -11.83 6.99 30.23
CA GLY B 203 -13.28 7.05 30.21
C GLY B 203 -13.91 7.77 29.04
N ARG B 204 -13.11 8.09 28.03
CA ARG B 204 -13.61 8.81 26.87
C ARG B 204 -13.79 7.91 25.66
N LEU B 205 -14.40 8.46 24.60
CA LEU B 205 -14.67 7.71 23.38
C LEU B 205 -13.72 8.07 22.24
N PRO B 206 -12.88 7.10 21.82
CA PRO B 206 -11.96 7.32 20.70
C PRO B 206 -12.62 7.82 19.42
N VAL B 207 -13.91 7.53 19.22
CA VAL B 207 -14.58 7.99 18.01
C VAL B 207 -14.54 9.51 17.89
N LYS B 208 -14.34 10.20 19.02
CA LYS B 208 -14.32 11.65 18.99
C LYS B 208 -13.04 12.21 18.37
N TRP B 209 -12.12 11.33 18.02
CA TRP B 209 -10.88 11.71 17.32
C TRP B 209 -10.91 11.32 15.82
N MET B 210 -11.89 10.52 15.42
CA MET B 210 -11.92 9.94 14.07
C MET B 210 -12.56 10.85 13.03
N ALA B 211 -11.88 11.04 11.90
CA ALA B 211 -12.43 11.80 10.76
C ALA B 211 -13.77 11.21 10.32
N PRO B 212 -14.66 12.05 9.78
CA PRO B 212 -15.96 11.55 9.32
C PRO B 212 -15.77 10.50 8.22
N GLU B 213 -14.85 10.75 7.29
CA GLU B 213 -14.66 9.79 6.21
C GLU B 213 -14.23 8.43 6.75
N ALA B 214 -13.44 8.42 7.82
CA ALA B 214 -13.02 7.16 8.42
C ALA B 214 -14.17 6.53 9.19
N LEU B 215 -14.98 7.39 9.79
CA LEU B 215 -16.05 6.95 10.68
C LEU B 215 -17.29 6.49 9.92
N PHE B 216 -17.49 7.03 8.71
CA PHE B 216 -18.64 6.66 7.89
C PHE B 216 -18.25 5.77 6.71
N ASP B 217 -17.28 6.21 5.93
CA ASP B 217 -16.91 5.49 4.71
C ASP B 217 -15.70 4.57 4.92
N ARG B 218 -15.27 4.44 6.18
CA ARG B 218 -14.01 3.78 6.58
C ARG B 218 -12.88 3.98 5.55
N ILE B 219 -12.65 5.25 5.21
CA ILE B 219 -11.51 5.68 4.41
C ILE B 219 -10.42 6.21 5.35
N TYR B 220 -9.28 5.52 5.37
CA TYR B 220 -8.19 5.86 6.29
C TYR B 220 -6.98 6.37 5.51
N THR B 221 -6.65 7.64 5.70
CA THR B 221 -5.53 8.24 4.98
C THR B 221 -4.68 9.06 5.92
N HIS B 222 -3.62 9.63 5.38
CA HIS B 222 -2.86 10.62 6.12
C HIS B 222 -3.74 11.85 6.42
N GLN B 223 -4.66 12.18 5.50
CA GLN B 223 -5.61 13.29 5.73
C GLN B 223 -6.63 13.00 6.84
N SER B 224 -7.06 11.75 6.98
CA SER B 224 -7.90 11.42 8.13
C SER B 224 -7.11 11.52 9.46
N ASP B 225 -5.82 11.19 9.45
CA ASP B 225 -4.99 11.39 10.64
C ASP B 225 -4.90 12.89 10.94
N VAL B 226 -4.90 13.70 9.88
CA VAL B 226 -4.84 15.15 10.03
C VAL B 226 -6.02 15.66 10.87
N TRP B 227 -7.21 15.14 10.58
CA TRP B 227 -8.41 15.46 11.35
C TRP B 227 -8.16 15.17 12.82
N SER B 228 -7.61 13.99 13.06
CA SER B 228 -7.26 13.56 14.40
C SER B 228 -6.31 14.54 15.04
N PHE B 229 -5.32 14.98 14.28
CA PHE B 229 -4.37 15.98 14.76
C PHE B 229 -5.07 17.29 15.15
N GLY B 230 -6.15 17.62 14.44
CA GLY B 230 -6.92 18.79 14.78
C GLY B 230 -7.54 18.69 16.17
N VAL B 231 -8.09 17.53 16.49
CA VAL B 231 -8.64 17.30 17.80
C VAL B 231 -7.55 17.29 18.85
N LEU B 232 -6.36 16.80 18.49
CA LEU B 232 -5.23 16.77 19.43
C LEU B 232 -4.78 18.20 19.72
N LEU B 233 -4.79 19.06 18.70
CA LEU B 233 -4.54 20.49 18.88
C LEU B 233 -5.46 21.07 19.96
N TRP B 234 -6.75 20.80 19.81
CA TRP B 234 -7.77 21.24 20.78
C TRP B 234 -7.46 20.72 22.18
N GLU B 235 -7.05 19.46 22.27
CA GLU B 235 -6.60 18.87 23.53
C GLU B 235 -5.47 19.64 24.14
N ILE B 236 -4.52 20.04 23.30
CA ILE B 236 -3.36 20.76 23.78
C ILE B 236 -3.78 22.12 24.37
N PHE B 237 -4.58 22.88 23.65
CA PHE B 237 -4.85 24.23 24.10
C PHE B 237 -5.99 24.33 25.12
N THR B 238 -6.64 23.20 25.41
CA THR B 238 -7.51 23.07 26.58
C THR B 238 -6.77 22.42 27.74
N LEU B 239 -5.47 22.23 27.57
CA LEU B 239 -4.60 21.59 28.56
C LEU B 239 -5.11 20.24 29.04
N GLY B 240 -5.48 19.38 28.10
CA GLY B 240 -5.94 18.04 28.45
C GLY B 240 -7.45 17.94 28.58
N GLY B 241 -8.17 18.89 27.99
CA GLY B 241 -9.63 18.89 28.01
C GLY B 241 -10.24 17.72 27.26
N SER B 242 -11.45 17.34 27.67
CA SER B 242 -12.13 16.19 27.09
C SER B 242 -13.04 16.62 25.94
N PRO B 243 -12.85 16.04 24.74
CA PRO B 243 -13.65 16.49 23.59
C PRO B 243 -15.10 16.06 23.74
N TYR B 244 -16.01 16.98 23.41
CA TYR B 244 -17.46 16.75 23.52
C TYR B 244 -17.91 16.06 24.79
N PRO B 245 -17.65 16.65 25.97
CA PRO B 245 -18.02 15.95 27.20
C PRO B 245 -19.53 15.73 27.32
N GLY B 246 -19.93 14.50 27.64
CA GLY B 246 -21.32 14.13 27.82
C GLY B 246 -22.03 13.62 26.58
N VAL B 247 -21.36 13.67 25.44
CA VAL B 247 -21.98 13.30 24.16
C VAL B 247 -21.75 11.84 23.78
N PRO B 248 -22.83 11.03 23.67
CA PRO B 248 -22.66 9.62 23.33
C PRO B 248 -22.43 9.44 21.84
N VAL B 249 -22.07 8.23 21.39
CA VAL B 249 -21.61 8.08 20.01
C VAL B 249 -22.72 8.40 19.02
N GLU B 250 -23.97 8.08 19.38
CA GLU B 250 -25.09 8.34 18.48
C GLU B 250 -25.23 9.84 18.27
N GLU B 251 -25.14 10.60 19.35
CA GLU B 251 -25.26 12.04 19.24
C GLU B 251 -24.06 12.67 18.54
N LEU B 252 -22.88 12.08 18.70
CA LEU B 252 -21.68 12.57 18.02
C LEU B 252 -21.83 12.47 16.50
N PHE B 253 -22.27 11.31 16.03
CA PHE B 253 -22.52 11.13 14.59
C PHE B 253 -23.42 12.25 14.09
N LYS B 254 -24.54 12.44 14.79
CA LYS B 254 -25.50 13.50 14.45
C LYS B 254 -24.82 14.87 14.38
N LEU B 255 -24.01 15.21 15.38
CA LEU B 255 -23.24 16.45 15.35
C LEU B 255 -22.36 16.57 14.09
N LEU B 256 -21.66 15.49 13.76
CA LEU B 256 -20.76 15.52 12.63
C LEU B 256 -21.55 15.68 11.33
N LYS B 257 -22.66 14.95 11.19
CA LYS B 257 -23.55 15.13 10.04
C LYS B 257 -23.96 16.59 9.85
N GLU B 258 -24.25 17.26 10.97
CA GLU B 258 -24.70 18.65 10.96
C GLU B 258 -23.58 19.63 10.69
N GLY B 259 -22.36 19.12 10.53
CA GLY B 259 -21.23 20.00 10.29
C GLY B 259 -20.82 20.75 11.54
N HIS B 260 -21.30 20.29 12.70
CA HIS B 260 -20.95 20.88 13.98
C HIS B 260 -19.47 20.66 14.32
N ARG B 261 -18.81 21.72 14.78
CA ARG B 261 -17.41 21.70 15.18
C ARG B 261 -17.26 22.11 16.66
N MET B 262 -16.21 21.62 17.33
CA MET B 262 -15.96 22.03 18.72
C MET B 262 -15.67 23.51 18.77
N ASP B 263 -16.12 24.15 19.85
CA ASP B 263 -15.92 25.57 20.08
C ASP B 263 -14.45 25.92 20.16
N LYS B 264 -14.12 27.16 19.86
CA LYS B 264 -12.77 27.67 20.09
C LYS B 264 -12.49 27.76 21.57
N PRO B 265 -11.40 27.13 22.01
CA PRO B 265 -11.05 27.21 23.43
C PRO B 265 -10.56 28.60 23.80
N SER B 266 -10.69 28.96 25.07
CA SER B 266 -10.03 30.16 25.57
C SER B 266 -8.54 29.89 25.58
N ASN B 267 -7.72 30.93 25.61
CA ASN B 267 -6.27 30.81 25.47
C ASN B 267 -5.93 30.14 24.15
N CYS B 268 -6.52 30.65 23.08
CA CYS B 268 -6.28 30.08 21.77
C CYS B 268 -6.48 31.14 20.70
N THR B 269 -5.43 31.41 19.94
CA THR B 269 -5.47 32.41 18.90
C THR B 269 -6.45 31.99 17.81
N ASN B 270 -6.96 32.94 17.04
CA ASN B 270 -7.86 32.57 15.96
C ASN B 270 -7.10 31.84 14.84
N GLU B 271 -5.79 32.03 14.77
CA GLU B 271 -4.97 31.35 13.77
C GLU B 271 -4.96 29.85 14.08
N LEU B 272 -4.70 29.52 15.34
CA LEU B 272 -4.62 28.13 15.80
C LEU B 272 -5.99 27.47 15.72
N TYR B 273 -7.05 28.25 15.97
CA TYR B 273 -8.38 27.67 15.90
C TYR B 273 -8.72 27.43 14.42
N MET B 274 -8.30 28.34 13.55
CA MET B 274 -8.44 28.14 12.11
C MET B 274 -7.67 26.88 11.64
N MET B 275 -6.53 26.63 12.26
CA MET B 275 -5.78 25.39 11.96
C MET B 275 -6.62 24.18 12.31
N MET B 276 -7.22 24.19 13.51
CA MET B 276 -8.13 23.14 13.91
C MET B 276 -9.26 22.98 12.91
N ARG B 277 -9.92 24.10 12.56
CA ARG B 277 -11.04 24.07 11.63
C ARG B 277 -10.61 23.56 10.27
N ASP B 278 -9.41 23.97 9.85
CA ASP B 278 -8.84 23.47 8.59
C ASP B 278 -8.63 21.96 8.66
N CYS B 279 -8.01 21.47 9.73
CA CYS B 279 -7.88 20.03 9.96
C CYS B 279 -9.23 19.34 9.95
N TRP B 280 -10.30 20.10 10.22
CA TRP B 280 -11.64 19.51 10.30
C TRP B 280 -12.47 19.81 9.04
N HIS B 281 -11.81 20.19 7.95
CA HIS B 281 -12.54 20.40 6.71
C HIS B 281 -13.24 19.09 6.34
N ALA B 282 -14.47 19.16 5.83
CA ALA B 282 -15.19 17.93 5.50
C ALA B 282 -14.55 17.21 4.30
N VAL B 283 -13.89 17.97 3.43
CA VAL B 283 -13.17 17.40 2.29
C VAL B 283 -11.68 17.18 2.62
N PRO B 284 -11.26 15.92 2.67
CA PRO B 284 -9.89 15.60 3.11
C PRO B 284 -8.82 16.31 2.30
N SER B 285 -9.03 16.48 0.99
CA SER B 285 -8.04 17.15 0.14
C SER B 285 -7.87 18.63 0.47
N GLN B 286 -8.83 19.20 1.19
CA GLN B 286 -8.74 20.61 1.55
C GLN B 286 -8.19 20.80 2.96
N ARG B 287 -7.94 19.69 3.66
CA ARG B 287 -7.22 19.75 4.93
C ARG B 287 -5.76 20.01 4.67
N PRO B 288 -5.08 20.64 5.62
CA PRO B 288 -3.64 20.78 5.43
C PRO B 288 -2.99 19.40 5.43
N THR B 289 -1.76 19.30 4.94
CA THR B 289 -0.98 18.07 5.10
C THR B 289 -0.11 18.22 6.33
N PHE B 290 0.47 17.12 6.81
CA PHE B 290 1.38 17.24 7.94
C PHE B 290 2.58 18.09 7.55
N LYS B 291 2.99 18.03 6.28
CA LYS B 291 4.08 18.89 5.85
C LYS B 291 3.65 20.36 5.94
N GLN B 292 2.44 20.68 5.45
CA GLN B 292 1.92 22.05 5.57
C GLN B 292 1.72 22.42 7.04
N LEU B 293 1.24 21.47 7.84
CA LEU B 293 1.04 21.73 9.27
C LEU B 293 2.36 22.04 9.96
N VAL B 294 3.41 21.29 9.63
CA VAL B 294 4.73 21.53 10.20
C VAL B 294 5.32 22.88 9.80
N GLU B 295 5.23 23.25 8.53
CA GLU B 295 5.72 24.56 8.10
C GLU B 295 4.95 25.66 8.87
N ASP B 296 3.63 25.57 8.89
CA ASP B 296 2.83 26.61 9.57
C ASP B 296 3.10 26.64 11.07
N LEU B 297 3.30 25.47 11.68
CA LEU B 297 3.52 25.42 13.10
C LEU B 297 4.90 25.93 13.43
N ASP B 298 5.85 25.68 12.52
CA ASP B 298 7.19 26.23 12.68
C ASP B 298 7.14 27.77 12.62
N ARG B 299 6.39 28.30 11.66
CA ARG B 299 6.19 29.75 11.54
C ARG B 299 5.62 30.33 12.82
N ILE B 300 4.56 29.71 13.33
CA ILE B 300 3.85 30.21 14.51
C ILE B 300 4.69 30.18 15.80
N VAL B 301 5.46 29.11 16.03
CA VAL B 301 6.31 29.03 17.23
C VAL B 301 7.27 30.21 17.33
N ALA B 302 7.99 30.47 16.25
CA ALA B 302 8.94 31.58 16.18
C ALA B 302 8.28 32.94 16.43
N LEU B 303 7.00 33.05 16.06
CA LEU B 303 6.26 34.31 16.23
C LEU B 303 5.37 34.31 17.47
N THR B 304 5.61 33.38 18.39
CA THR B 304 4.78 33.26 19.59
C THR B 304 5.52 33.70 20.83
#